data_2OHW
#
_entry.id   2OHW
#
_cell.length_a   34.895
_cell.length_b   39.443
_cell.length_c   48.778
_cell.angle_alpha   89.880
_cell.angle_beta   108.050
_cell.angle_gamma   110.260
#
_symmetry.space_group_name_H-M   'P 1'
#
loop_
_entity.id
_entity.type
_entity.pdbx_description
1 polymer 'YueI protein'
2 water water
#
_entity_poly.entity_id   1
_entity_poly.type   'polypeptide(L)'
_entity_poly.pdbx_seq_one_letter_code
;SLSEDKMDLYLQQGMYGPLETKPDERHLFLGSLRERVVLALTKGQVLRSKPYKEAEHELKNSHNVTLLINGELQYQSYSS
YIQMASRYGVPFKIVSDLQFHTPLGIVIAADIAVNRELIYIQDDIYNRSVLKS
;
_entity_poly.pdbx_strand_id   A,B
#
# COMPACT_ATOMS: atom_id res chain seq x y z
N GLU A 4 -3.94 -14.84 -14.84
CA GLU A 4 -4.77 -15.11 -16.03
C GLU A 4 -4.13 -14.67 -17.34
N ASP A 5 -4.54 -15.29 -18.44
CA ASP A 5 -3.98 -14.96 -19.74
C ASP A 5 -4.23 -13.52 -20.15
N LYS A 6 -5.33 -12.91 -19.68
CA LYS A 6 -5.57 -11.50 -19.99
C LYS A 6 -4.50 -10.61 -19.34
N MET A 7 -4.01 -11.01 -18.17
CA MET A 7 -2.94 -10.25 -17.50
C MET A 7 -1.62 -10.39 -18.25
N ASP A 8 -1.33 -11.60 -18.72
CA ASP A 8 -0.13 -11.84 -19.50
C ASP A 8 -0.14 -10.98 -20.74
N LEU A 9 -1.31 -10.81 -21.37
CA LEU A 9 -1.40 -10.01 -22.58
C LEU A 9 -1.17 -8.55 -22.24
N TYR A 10 -1.77 -8.09 -21.14
CA TYR A 10 -1.54 -6.72 -20.65
C TYR A 10 -0.06 -6.44 -20.47
N LEU A 11 0.62 -7.37 -19.80
CA LEU A 11 2.08 -7.26 -19.64
C LEU A 11 2.86 -7.29 -20.96
N GLN A 12 2.54 -8.26 -21.82
CA GLN A 12 3.30 -8.44 -23.06
C GLN A 12 3.21 -7.20 -23.93
N GLN A 13 2.04 -6.55 -23.90
CA GLN A 13 1.81 -5.38 -24.75
C GLN A 13 2.21 -4.04 -24.15
N GLY A 14 2.75 -4.06 -22.94
CA GLY A 14 3.34 -2.85 -22.36
C GLY A 14 2.52 -2.10 -21.33
N MET A 15 1.47 -2.73 -20.84
CA MET A 15 0.72 -2.22 -19.68
C MET A 15 -0.04 -0.94 -19.99
N TYR A 16 -0.68 -0.92 -21.16
CA TYR A 16 -1.57 0.17 -21.55
C TYR A 16 -2.93 0.09 -20.86
N GLY A 17 -3.28 1.17 -20.17
CA GLY A 17 -4.61 1.29 -19.57
C GLY A 17 -4.79 0.65 -18.21
N PRO A 18 -6.01 0.73 -17.66
CA PRO A 18 -6.23 0.24 -16.31
C PRO A 18 -6.45 -1.27 -16.26
N LEU A 19 -6.35 -1.84 -15.06
CA LEU A 19 -6.78 -3.22 -14.84
C LEU A 19 -8.20 -3.22 -14.30
N GLU A 20 -8.75 -4.41 -14.09
CA GLU A 20 -10.15 -4.55 -13.65
C GLU A 20 -10.43 -3.97 -12.25
N THR A 21 -9.49 -4.15 -11.33
CA THR A 21 -9.65 -3.63 -9.97
C THR A 21 -8.43 -2.83 -9.50
N LYS A 22 -8.64 -1.96 -8.53
CA LYS A 22 -7.55 -1.25 -7.87
C LYS A 22 -6.50 -2.18 -7.19
N PRO A 23 -6.97 -3.18 -6.41
CA PRO A 23 -6.01 -4.13 -5.83
C PRO A 23 -5.14 -4.83 -6.87
N ASP A 24 -5.71 -5.18 -8.02
CA ASP A 24 -4.93 -5.79 -9.10
C ASP A 24 -3.75 -4.90 -9.47
N GLU A 25 -4.04 -3.61 -9.62
CA GLU A 25 -3.02 -2.66 -10.01
C GLU A 25 -1.95 -2.53 -8.93
N ARG A 26 -2.38 -2.44 -7.68
CA ARG A 26 -1.44 -2.30 -6.58
C ARG A 26 -0.54 -3.52 -6.46
N HIS A 27 -1.11 -4.70 -6.70
CA HIS A 27 -0.32 -5.92 -6.64
C HIS A 27 0.70 -6.05 -7.76
N LEU A 28 0.44 -5.41 -8.91
CA LEU A 28 1.41 -5.38 -10.01
C LEU A 28 2.46 -4.27 -9.82
N PHE A 29 1.98 -3.07 -9.50
CA PHE A 29 2.82 -1.87 -9.51
C PHE A 29 3.45 -1.48 -8.16
N LEU A 30 3.79 -2.50 -7.36
CA LEU A 30 4.50 -2.30 -6.09
C LEU A 30 3.75 -1.35 -5.16
N GLY A 31 2.42 -1.47 -5.19
CA GLY A 31 1.54 -0.71 -4.30
C GLY A 31 0.89 0.49 -4.93
N SER A 32 1.34 0.90 -6.12
CA SER A 32 0.78 2.07 -6.80
C SER A 32 -0.41 1.73 -7.68
N LEU A 33 -1.31 2.70 -7.86
CA LEU A 33 -2.36 2.57 -8.86
C LEU A 33 -1.80 2.85 -10.26
N ARG A 34 -2.38 2.23 -11.28
CA ARG A 34 -1.89 2.44 -12.64
C ARG A 34 -1.91 3.93 -13.03
N GLU A 35 -2.91 4.67 -12.57
CA GLU A 35 -3.03 6.08 -12.94
C GLU A 35 -1.87 6.93 -12.43
N ARG A 36 -1.12 6.42 -11.45
CA ARG A 36 0.01 7.18 -10.89
C ARG A 36 1.38 6.77 -11.45
N VAL A 37 1.40 5.73 -12.28
CA VAL A 37 2.67 5.20 -12.76
C VAL A 37 3.23 6.08 -13.88
N VAL A 38 4.49 6.46 -13.72
CA VAL A 38 5.25 7.22 -14.71
C VAL A 38 6.11 6.29 -15.58
N LEU A 39 6.71 5.27 -14.96
CA LEU A 39 7.55 4.32 -15.70
C LEU A 39 7.70 3.08 -14.86
N ALA A 40 7.77 1.93 -15.51
CA ALA A 40 8.00 0.67 -14.83
C ALA A 40 9.04 -0.13 -15.60
N LEU A 41 9.94 -0.80 -14.87
CA LEU A 41 10.95 -1.68 -15.47
C LEU A 41 10.73 -3.09 -14.93
N THR A 42 10.90 -4.11 -15.78
CA THR A 42 10.83 -5.48 -15.27
C THR A 42 12.06 -5.78 -14.43
N LYS A 43 11.98 -6.84 -13.61
CA LYS A 43 13.17 -7.31 -12.88
C LYS A 43 14.32 -7.58 -13.86
N GLY A 44 14.01 -8.18 -15.00
CA GLY A 44 15.05 -8.47 -15.98
C GLY A 44 15.75 -7.21 -16.48
N GLN A 45 14.98 -6.15 -16.74
CA GLN A 45 15.58 -4.87 -17.12
C GLN A 45 16.42 -4.28 -15.99
N VAL A 46 15.93 -4.35 -14.75
CA VAL A 46 16.74 -3.79 -13.65
C VAL A 46 18.08 -4.53 -13.54
N LEU A 47 18.07 -5.82 -13.87
CA LEU A 47 19.28 -6.65 -13.77
C LEU A 47 20.29 -6.38 -14.88
N ARG A 48 19.92 -5.57 -15.87
CA ARG A 48 20.86 -5.19 -16.95
C ARG A 48 22.01 -4.40 -16.35
N SER A 49 23.24 -4.74 -16.75
CA SER A 49 24.45 -4.13 -16.20
C SER A 49 24.44 -2.60 -16.28
N LYS A 50 24.15 -2.07 -17.46
CA LYS A 50 24.01 -0.63 -17.64
C LYS A 50 22.60 -0.15 -17.27
N PRO A 51 22.49 0.82 -16.36
CA PRO A 51 21.16 1.34 -15.99
C PRO A 51 20.49 2.06 -17.16
N TYR A 52 19.16 2.05 -17.17
CA TYR A 52 18.43 2.68 -18.26
C TYR A 52 18.40 4.21 -18.15
N LYS A 53 18.93 4.87 -19.17
CA LYS A 53 18.86 6.33 -19.26
C LYS A 53 17.41 6.85 -19.30
N GLU A 54 16.49 6.04 -19.80
CA GLU A 54 15.07 6.40 -19.85
C GLU A 54 14.50 6.56 -18.44
N ALA A 55 14.99 5.76 -17.50
CA ALA A 55 14.57 5.94 -16.10
C ALA A 55 15.17 7.20 -15.53
N GLU A 56 16.43 7.47 -15.85
CA GLU A 56 17.06 8.72 -15.39
C GLU A 56 16.29 9.93 -15.89
N HIS A 57 15.84 9.87 -17.15
CA HIS A 57 15.07 10.97 -17.70
C HIS A 57 13.82 11.27 -16.90
N GLU A 58 13.10 10.22 -16.52
CA GLU A 58 11.87 10.37 -15.75
C GLU A 58 12.14 10.87 -14.34
N LEU A 59 13.23 10.42 -13.72
CA LEU A 59 13.58 10.94 -12.40
C LEU A 59 13.98 12.43 -12.44
N LYS A 60 14.70 12.79 -13.50
CA LYS A 60 15.18 14.15 -13.70
C LYS A 60 14.02 15.13 -13.97
N ASN A 61 12.97 14.64 -14.61
CA ASN A 61 11.90 15.49 -15.10
C ASN A 61 10.64 15.39 -14.26
N SER A 62 10.82 14.74 -13.12
CA SER A 62 9.75 14.44 -12.19
C SER A 62 9.38 15.63 -11.32
N HIS A 63 8.16 15.58 -10.82
CA HIS A 63 7.76 16.40 -9.70
C HIS A 63 6.97 15.48 -8.77
N ASN A 64 7.40 15.41 -7.52
CA ASN A 64 6.70 14.65 -6.49
C ASN A 64 6.45 13.20 -6.92
N VAL A 65 7.52 12.53 -7.29
CA VAL A 65 7.45 11.09 -7.54
C VAL A 65 8.29 10.36 -6.51
N THR A 66 8.05 9.05 -6.40
CA THR A 66 8.85 8.17 -5.57
C THR A 66 9.38 7.04 -6.45
N LEU A 67 10.60 6.62 -6.16
CA LEU A 67 11.16 5.41 -6.76
C LEU A 67 10.82 4.19 -5.89
N LEU A 68 9.94 3.32 -6.39
CA LEU A 68 9.56 2.09 -5.71
C LEU A 68 10.42 0.95 -6.26
N ILE A 69 10.99 0.15 -5.35
CA ILE A 69 11.93 -0.92 -5.70
C ILE A 69 11.42 -2.23 -5.13
N ASN A 70 11.39 -3.26 -5.95
CA ASN A 70 10.99 -4.59 -5.54
C ASN A 70 12.04 -5.20 -4.61
N GLY A 71 11.66 -5.44 -3.34
CA GLY A 71 12.56 -6.01 -2.33
C GLY A 71 13.05 -7.42 -2.61
N GLU A 72 12.49 -8.08 -3.64
CA GLU A 72 13.05 -9.40 -4.02
C GLU A 72 14.44 -9.26 -4.63
N LEU A 73 14.74 -8.08 -5.16
CA LEU A 73 16.03 -7.78 -5.77
C LEU A 73 17.09 -7.54 -4.69
N GLN A 74 18.33 -7.94 -4.99
CA GLN A 74 19.46 -7.61 -4.15
C GLN A 74 19.94 -6.19 -4.43
N TYR A 75 20.52 -5.56 -3.40
CA TYR A 75 20.99 -4.18 -3.46
C TYR A 75 21.79 -3.85 -4.70
N GLN A 76 22.78 -4.68 -5.02
CA GLN A 76 23.66 -4.35 -6.14
C GLN A 76 22.95 -4.21 -7.48
N SER A 77 21.75 -4.80 -7.58
CA SER A 77 20.95 -4.75 -8.79
C SER A 77 20.27 -3.39 -9.00
N TYR A 78 19.89 -2.75 -7.92
CA TYR A 78 19.12 -1.51 -8.02
C TYR A 78 19.81 -0.27 -7.49
N SER A 79 20.97 -0.44 -6.89
CA SER A 79 21.67 0.70 -6.32
C SER A 79 21.94 1.85 -7.30
N SER A 80 22.17 1.54 -8.57
CA SER A 80 22.40 2.61 -9.56
C SER A 80 21.18 3.54 -9.65
N TYR A 81 19.99 2.96 -9.52
CA TYR A 81 18.75 3.74 -9.63
C TYR A 81 18.55 4.61 -8.42
N ILE A 82 19.06 4.15 -7.26
CA ILE A 82 18.99 4.96 -6.04
C ILE A 82 19.90 6.20 -6.19
N GLN A 83 21.06 6.00 -6.81
CA GLN A 83 21.98 7.12 -7.08
C GLN A 83 21.30 8.15 -7.97
N MET A 84 20.61 7.66 -9.02
CA MET A 84 19.90 8.54 -9.94
C MET A 84 18.81 9.30 -9.21
N ALA A 85 18.03 8.59 -8.38
CA ALA A 85 16.94 9.22 -7.63
C ALA A 85 17.48 10.33 -6.72
N SER A 86 18.51 10.01 -5.93
CA SER A 86 19.03 11.00 -4.99
C SER A 86 19.59 12.23 -5.70
N ARG A 87 20.19 12.01 -6.88
CA ARG A 87 20.73 13.08 -7.71
C ARG A 87 19.68 14.17 -7.99
N TYR A 88 18.43 13.75 -8.14
CA TYR A 88 17.34 14.66 -8.50
C TYR A 88 16.33 14.89 -7.36
N GLY A 89 16.71 14.49 -6.14
CA GLY A 89 15.86 14.76 -4.99
C GLY A 89 14.63 13.89 -4.89
N VAL A 90 14.69 12.70 -5.48
CA VAL A 90 13.56 11.77 -5.48
C VAL A 90 13.75 10.74 -4.38
N PRO A 91 12.76 10.60 -3.49
CA PRO A 91 12.86 9.60 -2.44
C PRO A 91 12.68 8.20 -3.01
N PHE A 92 13.19 7.19 -2.32
CA PHE A 92 12.93 5.82 -2.71
C PHE A 92 12.36 5.00 -1.56
N LYS A 93 11.69 3.92 -1.93
CA LYS A 93 11.11 2.98 -0.98
C LYS A 93 11.39 1.57 -1.47
N ILE A 94 11.91 0.73 -0.60
CA ILE A 94 12.03 -0.69 -0.92
C ILE A 94 10.77 -1.40 -0.46
N VAL A 95 10.01 -1.92 -1.41
CA VAL A 95 8.71 -2.53 -1.15
C VAL A 95 8.91 -4.00 -0.77
N SER A 96 8.58 -4.32 0.48
CA SER A 96 8.92 -5.61 1.11
C SER A 96 7.73 -6.50 1.44
N ASP A 97 6.55 -5.91 1.55
CA ASP A 97 5.33 -6.69 1.80
C ASP A 97 4.67 -7.05 0.48
N LEU A 98 5.09 -8.16 -0.11
CA LEU A 98 4.47 -8.67 -1.34
C LEU A 98 3.64 -9.92 -1.10
N GLN A 99 2.35 -9.83 -1.45
CA GLN A 99 1.43 -10.95 -1.44
C GLN A 99 1.52 -11.71 -2.74
N PHE A 100 1.81 -10.96 -3.81
CA PHE A 100 1.83 -11.44 -5.19
C PHE A 100 3.23 -11.25 -5.76
N HIS A 101 3.72 -12.27 -6.45
CA HIS A 101 4.97 -12.14 -7.17
C HIS A 101 4.65 -11.21 -8.32
N THR A 102 5.39 -10.11 -8.41
CA THR A 102 5.22 -9.22 -9.55
C THR A 102 6.49 -9.27 -10.38
N PRO A 103 6.37 -9.19 -11.71
CA PRO A 103 7.57 -9.18 -12.55
C PRO A 103 8.25 -7.82 -12.59
N LEU A 104 7.64 -6.81 -11.99
CA LEU A 104 8.21 -5.45 -12.02
C LEU A 104 9.29 -5.28 -10.97
N GLY A 105 10.41 -4.68 -11.37
CA GLY A 105 11.56 -4.44 -10.50
C GLY A 105 11.57 -3.04 -9.91
N ILE A 106 11.18 -2.06 -10.72
CA ILE A 106 11.18 -0.67 -10.32
C ILE A 106 9.93 -0.03 -10.87
N VAL A 107 9.28 0.80 -10.06
CA VAL A 107 8.15 1.61 -10.52
C VAL A 107 8.40 3.04 -10.05
N ILE A 108 8.35 3.99 -10.97
CA ILE A 108 8.37 5.41 -10.62
C ILE A 108 6.92 5.85 -10.58
N ALA A 109 6.46 6.27 -9.41
CA ALA A 109 5.05 6.62 -9.20
C ALA A 109 4.92 8.05 -8.73
N ALA A 110 4.00 8.77 -9.33
CA ALA A 110 3.67 10.13 -8.90
C ALA A 110 2.73 10.11 -7.69
N ASP A 111 2.64 11.24 -7.00
CA ASP A 111 1.78 11.29 -5.81
C ASP A 111 0.33 11.63 -6.18
N ILE A 112 0.10 11.93 -7.47
CA ILE A 112 -1.23 12.18 -8.02
C ILE A 112 -1.42 11.45 -9.35
N ALA A 113 -2.65 11.44 -9.85
CA ALA A 113 -2.96 10.81 -11.13
C ALA A 113 -2.31 11.58 -12.28
N VAL A 114 -1.49 10.89 -13.06
CA VAL A 114 -0.83 11.45 -14.24
C VAL A 114 -1.37 10.83 -15.54
N ASN A 115 -2.02 9.67 -15.40
CA ASN A 115 -2.65 8.97 -16.54
C ASN A 115 -1.76 8.89 -17.77
N ARG A 116 -0.58 8.32 -17.59
CA ARG A 116 0.33 8.20 -18.72
C ARG A 116 0.10 6.90 -19.49
N GLU A 117 -0.08 7.02 -20.81
CA GLU A 117 -0.36 5.85 -21.62
C GLU A 117 0.85 4.94 -21.72
N LEU A 118 2.01 5.53 -22.02
CA LEU A 118 3.24 4.77 -22.26
C LEU A 118 4.12 4.80 -21.04
N ILE A 119 4.30 3.65 -20.40
CA ILE A 119 5.04 3.57 -19.14
C ILE A 119 6.12 2.48 -19.14
N TYR A 120 6.46 1.97 -20.30
CA TYR A 120 7.48 0.92 -20.37
C TYR A 120 8.52 1.23 -21.43
N ILE A 121 9.67 0.53 -21.33
CA ILE A 121 10.76 0.62 -22.28
C ILE A 121 10.77 -0.64 -23.12
N GLN A 122 10.34 -0.50 -24.37
CA GLN A 122 10.27 -1.63 -25.26
C GLN A 122 11.65 -1.98 -25.77
N ASP A 123 12.17 -3.10 -25.30
CA ASP A 123 13.42 -3.66 -25.83
C ASP A 123 13.41 -5.18 -25.73
N ASP A 124 14.45 -5.84 -26.23
CA ASP A 124 14.48 -7.31 -26.17
C ASP A 124 14.43 -7.89 -24.75
N ILE A 125 15.03 -7.19 -23.79
CA ILE A 125 14.96 -7.63 -22.40
C ILE A 125 13.53 -7.59 -21.86
N TYR A 126 12.78 -6.55 -22.19
CA TYR A 126 11.37 -6.49 -21.79
C TYR A 126 10.62 -7.71 -22.30
N ASN A 127 10.77 -7.97 -23.60
CA ASN A 127 10.02 -9.02 -24.26
C ASN A 127 10.36 -10.39 -23.67
N ARG A 128 11.61 -10.57 -23.25
CA ARG A 128 12.04 -11.87 -22.77
C ARG A 128 11.77 -12.06 -21.28
N SER A 129 11.68 -10.96 -20.53
CA SER A 129 11.57 -11.03 -19.08
C SER A 129 10.18 -10.80 -18.49
N VAL A 130 9.29 -10.12 -19.21
CA VAL A 130 8.06 -9.65 -18.56
C VAL A 130 7.13 -10.77 -18.08
N LEU A 131 7.16 -11.92 -18.75
CA LEU A 131 6.29 -13.04 -18.36
C LEU A 131 7.03 -14.14 -17.60
N GLU B 4 -13.97 -18.31 14.34
CA GLU B 4 -13.87 -19.17 15.54
C GLU B 4 -13.83 -18.39 16.87
N ASP B 5 -14.18 -19.06 17.95
CA ASP B 5 -14.21 -18.48 19.29
C ASP B 5 -12.86 -17.91 19.70
N LYS B 6 -11.75 -18.49 19.24
CA LYS B 6 -10.43 -17.90 19.53
C LYS B 6 -10.28 -16.51 18.89
N MET B 7 -10.92 -16.29 17.74
CA MET B 7 -10.85 -14.98 17.07
C MET B 7 -11.68 -13.96 17.83
N ASP B 8 -12.86 -14.36 18.30
CA ASP B 8 -13.69 -13.50 19.11
C ASP B 8 -12.94 -13.06 20.37
N LEU B 9 -12.18 -13.98 20.98
CA LEU B 9 -11.40 -13.64 22.18
C LEU B 9 -10.32 -12.63 21.83
N TYR B 10 -9.62 -12.87 20.73
CA TYR B 10 -8.61 -11.94 20.23
C TYR B 10 -9.19 -10.53 20.11
N LEU B 11 -10.36 -10.44 19.48
CA LEU B 11 -11.04 -9.15 19.32
C LEU B 11 -11.48 -8.54 20.65
N GLN B 12 -12.15 -9.34 21.47
CA GLN B 12 -12.63 -8.89 22.78
CA GLN B 12 -12.62 -8.88 22.80
C GLN B 12 -11.50 -8.27 23.61
N GLN B 13 -10.35 -8.92 23.59
CA GLN B 13 -9.20 -8.51 24.40
C GLN B 13 -8.30 -7.47 23.78
N GLY B 14 -8.69 -6.92 22.64
CA GLY B 14 -7.98 -5.77 22.10
C GLY B 14 -6.93 -6.03 21.04
N MET B 15 -6.89 -7.26 20.52
CA MET B 15 -6.05 -7.56 19.34
C MET B 15 -4.54 -7.50 19.68
N TYR B 16 -4.19 -8.01 20.86
CA TYR B 16 -2.79 -8.16 21.25
C TYR B 16 -2.20 -9.37 20.54
N GLY B 17 -1.04 -9.16 19.95
CA GLY B 17 -0.31 -10.24 19.31
C GLY B 17 -0.84 -10.63 17.95
N PRO B 18 -0.34 -11.74 17.40
CA PRO B 18 -0.56 -12.14 16.01
C PRO B 18 -1.82 -12.97 15.82
N LEU B 19 -2.27 -13.09 14.57
CA LEU B 19 -3.20 -14.16 14.21
C LEU B 19 -2.38 -15.32 13.60
N GLU B 20 -3.07 -16.40 13.23
CA GLU B 20 -2.39 -17.64 12.85
C GLU B 20 -1.56 -17.49 11.58
N THR B 21 -2.08 -16.78 10.59
CA THR B 21 -1.39 -16.64 9.31
C THR B 21 -1.53 -15.23 8.73
N LYS B 22 -0.72 -14.89 7.72
CA LYS B 22 -0.86 -13.60 7.03
C LYS B 22 -2.26 -13.33 6.45
N PRO B 23 -2.85 -14.27 5.68
CA PRO B 23 -4.20 -13.97 5.14
C PRO B 23 -5.21 -13.65 6.25
N ASP B 24 -5.12 -14.33 7.38
CA ASP B 24 -6.06 -14.07 8.48
C ASP B 24 -5.90 -12.61 8.93
N GLU B 25 -4.67 -12.16 9.05
CA GLU B 25 -4.40 -10.79 9.45
C GLU B 25 -4.89 -9.79 8.41
N ARG B 26 -4.58 -10.03 7.14
CA ARG B 26 -5.06 -9.13 6.09
C ARG B 26 -6.57 -9.07 6.05
N HIS B 27 -7.23 -10.19 6.28
CA HIS B 27 -8.70 -10.18 6.26
C HIS B 27 -9.30 -9.35 7.39
N LEU B 28 -8.61 -9.32 8.54
CA LEU B 28 -9.12 -8.53 9.66
C LEU B 28 -8.74 -7.05 9.50
N PHE B 29 -7.48 -6.80 9.17
CA PHE B 29 -6.90 -5.45 9.20
C PHE B 29 -6.89 -4.72 7.87
N LEU B 30 -7.94 -4.94 7.07
CA LEU B 30 -8.13 -4.19 5.82
C LEU B 30 -6.93 -4.31 4.88
N GLY B 31 -6.32 -5.50 4.86
CA GLY B 31 -5.19 -5.81 3.99
C GLY B 31 -3.81 -5.71 4.61
N SER B 32 -3.72 -5.14 5.82
CA SER B 32 -2.44 -4.97 6.50
C SER B 32 -2.08 -6.19 7.33
N LEU B 33 -0.78 -6.43 7.47
CA LEU B 33 -0.27 -7.38 8.46
C LEU B 33 -0.36 -6.78 9.86
N ARG B 34 -0.62 -7.63 10.85
CA ARG B 34 -0.67 -7.14 12.23
C ARG B 34 0.61 -6.40 12.67
N GLU B 35 1.78 -6.88 12.26
CA GLU B 35 3.03 -6.23 12.69
C GLU B 35 3.14 -4.77 12.23
N ARG B 36 2.32 -4.38 11.26
CA ARG B 36 2.39 -3.01 10.71
C ARG B 36 1.30 -2.10 11.26
N VAL B 37 0.37 -2.66 12.01
CA VAL B 37 -0.75 -1.89 12.50
C VAL B 37 -0.34 -1.01 13.65
N VAL B 38 -0.71 0.28 13.53
CA VAL B 38 -0.45 1.31 14.54
C VAL B 38 -1.70 1.52 15.39
N LEU B 39 -2.86 1.50 14.76
CA LEU B 39 -4.12 1.72 15.49
C LEU B 39 -5.25 1.17 14.65
N ALA B 40 -6.28 0.62 15.31
CA ALA B 40 -7.46 0.13 14.59
C ALA B 40 -8.70 0.56 15.36
N LEU B 41 -9.75 0.97 14.63
CA LEU B 41 -11.04 1.34 15.24
C LEU B 41 -12.12 0.42 14.67
N THR B 42 -13.10 0.03 15.49
CA THR B 42 -14.21 -0.75 14.97
C THR B 42 -15.13 0.14 14.14
N LYS B 43 -15.98 -0.45 13.29
CA LYS B 43 -16.99 0.37 12.60
C LYS B 43 -17.83 1.16 13.58
N GLY B 44 -18.20 0.56 14.71
CA GLY B 44 -19.04 1.26 15.71
C GLY B 44 -18.31 2.49 16.27
N GLN B 45 -17.01 2.37 16.51
CA GLN B 45 -16.21 3.54 16.89
C GLN B 45 -16.15 4.60 15.78
N VAL B 46 -15.96 4.18 14.53
CA VAL B 46 -15.87 5.16 13.46
C VAL B 46 -17.20 5.94 13.37
N LEU B 47 -18.31 5.25 13.62
CA LEU B 47 -19.65 5.88 13.58
C LEU B 47 -19.92 6.88 14.71
N ARG B 48 -19.10 6.90 15.76
CA ARG B 48 -19.24 7.91 16.82
C ARG B 48 -19.17 9.30 16.17
N SER B 49 -20.02 10.23 16.61
CA SER B 49 -20.09 11.54 15.95
C SER B 49 -18.78 12.30 16.00
N LYS B 50 -18.16 12.37 17.17
CA LYS B 50 -16.89 13.06 17.31
C LYS B 50 -15.76 12.08 16.95
N PRO B 51 -14.82 12.48 16.08
CA PRO B 51 -13.72 11.57 15.74
C PRO B 51 -12.82 11.34 16.95
N TYR B 52 -12.16 10.19 16.98
CA TYR B 52 -11.29 9.87 18.11
C TYR B 52 -9.98 10.66 18.06
N LYS B 53 -9.70 11.41 19.13
CA LYS B 53 -8.45 12.15 19.27
C LYS B 53 -7.24 11.20 19.28
N GLU B 54 -7.43 9.96 19.71
CA GLU B 54 -6.35 8.98 19.70
C GLU B 54 -5.90 8.62 18.28
N ALA B 55 -6.87 8.62 17.34
CA ALA B 55 -6.51 8.41 15.94
C ALA B 55 -5.78 9.63 15.39
N GLU B 56 -6.24 10.82 15.73
CA GLU B 56 -5.52 12.02 15.31
C GLU B 56 -4.08 11.98 15.83
N HIS B 57 -3.89 11.57 17.07
CA HIS B 57 -2.56 11.48 17.64
C HIS B 57 -1.63 10.60 16.79
N GLU B 58 -2.12 9.44 16.36
CA GLU B 58 -1.28 8.53 15.58
C GLU B 58 -1.00 9.06 14.16
N LEU B 59 -1.98 9.74 13.56
CA LEU B 59 -1.75 10.38 12.25
C LEU B 59 -0.73 11.52 12.31
N LYS B 60 -0.79 12.27 13.39
CA LYS B 60 0.14 13.38 13.65
C LYS B 60 1.55 12.88 13.97
N ASN B 61 1.67 11.72 14.61
CA ASN B 61 2.96 11.28 15.18
C ASN B 61 3.68 10.09 14.58
N SER B 62 3.00 9.34 13.72
CA SER B 62 3.64 8.22 13.08
C SER B 62 4.35 8.69 11.80
N HIS B 63 5.35 7.93 11.37
CA HIS B 63 6.04 8.25 10.14
C HIS B 63 5.66 7.23 9.09
N ASN B 64 5.38 7.70 7.88
CA ASN B 64 5.11 6.82 6.77
C ASN B 64 3.99 5.83 7.09
N VAL B 65 2.88 6.37 7.56
CA VAL B 65 1.67 5.56 7.71
C VAL B 65 0.67 5.85 6.61
N THR B 66 -0.31 4.97 6.49
CA THR B 66 -1.43 5.14 5.59
C THR B 66 -2.71 4.92 6.38
N LEU B 67 -3.73 5.69 6.07
CA LEU B 67 -5.04 5.49 6.67
C LEU B 67 -5.86 4.57 5.77
N LEU B 68 -6.20 3.38 6.28
CA LEU B 68 -7.02 2.43 5.54
C LEU B 68 -8.46 2.53 6.04
N ILE B 69 -9.42 2.62 5.12
CA ILE B 69 -10.81 2.85 5.50
C ILE B 69 -11.68 1.75 4.92
N ASN B 70 -12.55 1.16 5.74
CA ASN B 70 -13.41 0.10 5.27
C ASN B 70 -14.51 0.67 4.36
N GLY B 71 -14.53 0.24 3.09
CA GLY B 71 -15.51 0.71 2.12
C GLY B 71 -16.96 0.29 2.38
N GLU B 72 -17.20 -0.54 3.39
CA GLU B 72 -18.57 -0.84 3.78
C GLU B 72 -19.22 0.41 4.40
N LEU B 73 -18.39 1.28 4.96
CA LEU B 73 -18.88 2.52 5.56
C LEU B 73 -19.23 3.57 4.51
N GLN B 74 -20.22 4.40 4.81
CA GLN B 74 -20.56 5.53 3.96
C GLN B 74 -19.64 6.71 4.26
N TYR B 75 -19.40 7.53 3.24
CA TYR B 75 -18.47 8.66 3.32
C TYR B 75 -18.66 9.52 4.56
N GLN B 76 -19.91 9.89 4.86
CA GLN B 76 -20.18 10.78 5.99
C GLN B 76 -19.60 10.22 7.30
N SER B 77 -19.57 8.89 7.40
CA SER B 77 -19.11 8.23 8.62
C SER B 77 -17.63 8.42 8.86
N TYR B 78 -16.84 8.39 7.78
CA TYR B 78 -15.38 8.43 7.93
C TYR B 78 -14.72 9.71 7.46
N SER B 79 -15.53 10.66 6.98
CA SER B 79 -14.93 11.86 6.38
C SER B 79 -14.07 12.67 7.33
N SER B 80 -14.36 12.63 8.64
CA SER B 80 -13.53 13.39 9.58
C SER B 80 -12.11 12.85 9.63
N TYR B 81 -11.96 11.55 9.44
CA TYR B 81 -10.63 10.93 9.50
C TYR B 81 -9.80 11.26 8.26
N ILE B 82 -10.46 11.42 7.12
CA ILE B 82 -9.77 11.91 5.92
C ILE B 82 -9.24 13.32 6.15
N GLN B 83 -10.06 14.19 6.75
CA GLN B 83 -9.60 15.54 7.09
C GLN B 83 -8.34 15.51 7.96
N MET B 84 -8.39 14.70 9.02
CA MET B 84 -7.25 14.51 9.92
C MET B 84 -6.02 14.06 9.16
N ALA B 85 -6.16 13.00 8.36
CA ALA B 85 -5.03 12.46 7.58
C ALA B 85 -4.41 13.54 6.69
N SER B 86 -5.24 14.24 5.92
CA SER B 86 -4.70 15.22 4.99
C SER B 86 -3.99 16.36 5.72
N ARG B 87 -4.48 16.71 6.91
CA ARG B 87 -3.84 17.77 7.72
C ARG B 87 -2.40 17.44 8.04
N TYR B 88 -2.10 16.15 8.17
CA TYR B 88 -0.77 15.70 8.55
C TYR B 88 -0.03 15.02 7.42
N GLY B 89 -0.54 15.14 6.20
CA GLY B 89 0.18 14.61 5.07
C GLY B 89 0.13 13.10 4.94
N VAL B 90 -0.89 12.48 5.53
CA VAL B 90 -1.04 11.02 5.50
C VAL B 90 -1.97 10.61 4.37
N PRO B 91 -1.52 9.71 3.48
CA PRO B 91 -2.40 9.26 2.40
C PRO B 91 -3.43 8.30 2.93
N PHE B 92 -4.53 8.17 2.20
CA PHE B 92 -5.57 7.23 2.59
C PHE B 92 -5.98 6.36 1.44
N LYS B 93 -6.52 5.20 1.78
CA LYS B 93 -7.12 4.30 0.80
C LYS B 93 -8.45 3.75 1.30
N ILE B 94 -9.44 3.71 0.41
CA ILE B 94 -10.71 3.05 0.71
C ILE B 94 -10.61 1.62 0.26
N VAL B 95 -10.69 0.72 1.23
CA VAL B 95 -10.45 -0.70 1.02
C VAL B 95 -11.77 -1.47 0.91
N SER B 96 -11.86 -2.31 -0.11
CA SER B 96 -12.96 -3.25 -0.22
C SER B 96 -12.51 -4.61 0.30
N ASP B 97 -12.89 -4.94 1.53
CA ASP B 97 -12.52 -6.22 2.15
C ASP B 97 -13.60 -7.20 1.76
N LEU B 98 -13.45 -7.74 0.56
CA LEU B 98 -14.55 -8.53 -0.05
C LEU B 98 -14.66 -9.92 0.53
N GLN B 99 -13.57 -10.42 1.10
CA GLN B 99 -13.55 -11.82 1.54
C GLN B 99 -14.02 -12.04 2.98
N PHE B 100 -14.05 -10.99 3.79
CA PHE B 100 -14.39 -11.15 5.22
C PHE B 100 -15.09 -9.90 5.70
N HIS B 101 -16.21 -10.09 6.42
CA HIS B 101 -16.98 -8.99 6.96
C HIS B 101 -16.34 -8.49 8.25
N THR B 102 -15.21 -7.81 8.11
CA THR B 102 -14.41 -7.40 9.24
C THR B 102 -15.14 -6.38 10.07
N PRO B 103 -15.00 -6.44 11.42
CA PRO B 103 -15.63 -5.43 12.26
C PRO B 103 -14.84 -4.12 12.31
N LEU B 104 -13.66 -4.10 11.69
CA LEU B 104 -12.80 -2.90 11.75
C LEU B 104 -13.21 -1.88 10.71
N GLY B 105 -13.29 -0.64 11.14
CA GLY B 105 -13.66 0.46 10.25
C GLY B 105 -12.49 1.26 9.70
N ILE B 106 -11.44 1.43 10.51
CA ILE B 106 -10.28 2.19 10.10
C ILE B 106 -9.06 1.46 10.68
N VAL B 107 -8.00 1.36 9.89
CA VAL B 107 -6.71 0.85 10.36
C VAL B 107 -5.63 1.82 9.90
N ILE B 108 -4.78 2.24 10.83
CA ILE B 108 -3.60 3.04 10.48
C ILE B 108 -2.42 2.09 10.44
N ALA B 109 -1.78 1.99 9.28
CA ALA B 109 -0.75 0.98 9.05
C ALA B 109 0.52 1.65 8.62
N ALA B 110 1.64 1.18 9.17
CA ALA B 110 2.96 1.69 8.82
C ALA B 110 3.47 0.94 7.61
N ASP B 111 4.51 1.47 6.96
CA ASP B 111 5.09 0.76 5.82
C ASP B 111 6.30 -0.09 6.22
N ILE B 112 6.49 -0.25 7.53
CA ILE B 112 7.49 -1.15 8.11
C ILE B 112 6.89 -1.84 9.34
N ALA B 113 7.49 -2.94 9.76
CA ALA B 113 7.09 -3.62 11.00
C ALA B 113 7.34 -2.70 12.18
N VAL B 114 6.28 -2.36 12.92
CA VAL B 114 6.39 -1.55 14.13
C VAL B 114 6.16 -2.34 15.42
N ASN B 115 5.57 -3.52 15.28
CA ASN B 115 5.33 -4.43 16.41
C ASN B 115 4.69 -3.77 17.63
N ARG B 116 3.59 -3.06 17.40
CA ARG B 116 2.93 -2.32 18.45
C ARG B 116 1.99 -3.26 19.20
N GLU B 117 2.14 -3.36 20.51
CA GLU B 117 1.30 -4.29 21.30
C GLU B 117 -0.11 -3.73 21.46
N LEU B 118 -0.18 -2.45 21.80
CA LEU B 118 -1.45 -1.79 22.07
C LEU B 118 -1.89 -0.99 20.85
N ILE B 119 -2.96 -1.45 20.20
CA ILE B 119 -3.43 -0.86 18.95
C ILE B 119 -4.94 -0.54 18.96
N TYR B 120 -5.59 -0.54 20.12
CA TYR B 120 -7.03 -0.26 20.16
C TYR B 120 -7.34 0.75 21.22
N ILE B 121 -8.52 1.35 21.10
CA ILE B 121 -9.04 2.30 22.09
C ILE B 121 -10.11 1.61 22.93
N GLN B 122 -9.75 1.29 24.16
CA GLN B 122 -10.69 0.64 25.07
C GLN B 122 -11.75 1.60 25.56
N ASP B 123 -12.98 1.45 25.05
CA ASP B 123 -14.11 2.20 25.57
C ASP B 123 -15.40 1.36 25.44
N ASP B 124 -16.53 1.88 25.90
CA ASP B 124 -17.78 1.12 25.88
C ASP B 124 -18.22 0.82 24.45
N ILE B 125 -17.92 1.74 23.52
CA ILE B 125 -18.28 1.49 22.13
C ILE B 125 -17.46 0.29 21.57
N TYR B 126 -16.17 0.21 21.88
CA TYR B 126 -15.37 -0.96 21.47
C TYR B 126 -16.01 -2.23 21.98
N ASN B 127 -16.32 -2.23 23.28
CA ASN B 127 -16.84 -3.45 23.91
C ASN B 127 -18.17 -3.88 23.29
N ARG B 128 -18.99 -2.92 22.92
CA ARG B 128 -20.31 -3.22 22.35
C ARG B 128 -20.26 -3.58 20.88
N SER B 129 -19.24 -3.12 20.17
CA SER B 129 -19.25 -3.21 18.71
C SER B 129 -18.35 -4.31 18.12
N VAL B 130 -17.28 -4.67 18.82
CA VAL B 130 -16.22 -5.45 18.16
C VAL B 130 -16.65 -6.86 17.72
N LEU B 131 -17.64 -7.43 18.39
CA LEU B 131 -18.14 -8.76 18.00
C LEU B 131 -19.41 -8.74 17.15
#